data_4GN2
#
_entry.id   4GN2
#
_cell.length_a   45.169
_cell.length_b   47.488
_cell.length_c   108.903
_cell.angle_alpha   90.000
_cell.angle_beta   90.000
_cell.angle_gamma   90.000
#
_symmetry.space_group_name_H-M   'P 21 21 21'
#
loop_
_entity.id
_entity.type
_entity.pdbx_description
1 polymer Oxacillinase
2 water water
#
_entity_poly.entity_id   1
_entity_poly.type   'polypeptide(L)'
_entity_poly.pdbx_seq_one_letter_code
;MLECTLVADAASGQELYRKGACDKAFAPMSTF(KCX)VPLAVMGYDAGILVDAHNPRWDYKPEFNGYAFQQKTTDPTIWE
KDSIVWYSQQLTRKMGQKRFAAYVAGFGYGNGDISGEPGKSNGLTHSWLGSSLKISPEGQVRFVRDLLSAKLPASKDAQQ
MTVSILPHFAAGDWAVQGKTGTGSFIDARGAKAPLGWFIGWATHEERRVVFARMTAGGAAGAQPAGPAARDAFLKALPDL
AKAF
;
_entity_poly.pdbx_strand_id   A
#
# COMPACT_ATOMS: atom_id res chain seq x y z
N MET A 1 4.69 11.53 -16.44
CA MET A 1 5.65 12.33 -15.60
C MET A 1 6.76 11.44 -15.07
N LEU A 2 7.11 11.59 -13.79
CA LEU A 2 7.94 10.58 -13.15
C LEU A 2 7.04 9.37 -13.01
N GLU A 3 7.41 8.30 -13.70
CA GLU A 3 6.60 7.08 -13.74
C GLU A 3 7.49 5.86 -13.56
N CYS A 4 7.03 4.90 -12.74
CA CYS A 4 7.72 3.63 -12.59
C CYS A 4 6.75 2.47 -12.75
N THR A 5 7.14 1.49 -13.56
CA THR A 5 6.53 0.16 -13.53
C THR A 5 7.64 -0.83 -13.23
N LEU A 6 7.51 -1.56 -12.13
CA LEU A 6 8.48 -2.59 -11.76
C LEU A 6 7.79 -3.93 -11.51
N VAL A 7 8.23 -4.97 -12.21
CA VAL A 7 7.62 -6.29 -12.08
C VAL A 7 8.73 -7.33 -11.82
N ALA A 8 8.56 -8.12 -10.77
CA ALA A 8 9.44 -9.25 -10.47
C ALA A 8 8.65 -10.55 -10.30
N ASP A 9 9.33 -11.68 -10.49
CA ASP A 9 8.74 -12.98 -10.24
C ASP A 9 8.61 -13.19 -8.74
N ALA A 10 7.39 -13.48 -8.27
CA ALA A 10 7.12 -13.69 -6.85
C ALA A 10 7.92 -14.85 -6.27
N ALA A 11 7.97 -15.96 -7.00
CA ALA A 11 8.64 -17.17 -6.55
C ALA A 11 10.16 -17.02 -6.56
N SER A 12 10.72 -16.65 -7.70
CA SER A 12 12.18 -16.63 -7.88
C SER A 12 12.84 -15.32 -7.50
N GLY A 13 12.07 -14.23 -7.49
CA GLY A 13 12.61 -12.91 -7.20
C GLY A 13 13.23 -12.22 -8.40
N GLN A 14 13.35 -12.94 -9.52
CA GLN A 14 13.94 -12.40 -10.74
C GLN A 14 13.12 -11.21 -11.27
N GLU A 15 13.80 -10.11 -11.53
CA GLU A 15 13.16 -8.93 -12.11
C GLU A 15 12.75 -9.24 -13.54
N LEU A 16 11.53 -8.87 -13.88
CA LEU A 16 10.94 -9.27 -15.16
C LEU A 16 10.72 -8.09 -16.10
N TYR A 17 10.55 -6.91 -15.52
CA TYR A 17 10.26 -5.71 -16.28
C TYR A 17 10.47 -4.49 -15.41
N ARG A 18 11.03 -3.45 -16.02
CA ARG A 18 11.26 -2.19 -15.35
C ARG A 18 11.17 -1.08 -16.39
N LYS A 19 10.48 -0.01 -16.03
CA LYS A 19 10.43 1.19 -16.86
C LYS A 19 10.39 2.40 -15.93
N GLY A 20 11.26 3.38 -16.19
CA GLY A 20 11.29 4.61 -15.42
C GLY A 20 12.11 4.55 -14.14
N ALA A 21 12.03 5.63 -13.35
CA ALA A 21 12.78 5.76 -12.11
C ALA A 21 12.06 5.05 -10.97
N CYS A 22 12.62 3.92 -10.54
CA CYS A 22 11.96 3.05 -9.55
C CYS A 22 12.68 2.98 -8.21
N ASP A 23 13.78 3.73 -8.09
CA ASP A 23 14.61 3.73 -6.88
C ASP A 23 14.47 5.01 -6.04
N LYS A 24 13.49 5.85 -6.38
CA LYS A 24 13.21 7.07 -5.62
C LYS A 24 12.03 6.83 -4.70
N ALA A 25 12.22 7.11 -3.42
CA ALA A 25 11.21 6.85 -2.39
C ALA A 25 10.20 7.99 -2.27
N PHE A 26 8.92 7.64 -2.21
CA PHE A 26 7.82 8.59 -1.98
C PHE A 26 6.92 8.08 -0.86
N ALA A 27 6.04 8.93 -0.34
CA ALA A 27 5.07 8.55 0.69
C ALA A 27 4.23 7.36 0.20
N PRO A 28 4.10 6.30 1.04
CA PRO A 28 3.35 5.12 0.62
C PRO A 28 1.85 5.36 0.49
N MET A 29 1.36 6.42 1.12
CA MET A 29 -0.09 6.69 1.18
C MET A 29 -0.87 5.43 1.56
N SER A 30 -1.98 5.15 0.88
CA SER A 30 -2.81 4.00 1.23
C SER A 30 -2.23 2.61 0.93
N THR A 31 -1.11 2.54 0.23
CA THR A 31 -0.39 1.26 0.10
C THR A 31 0.12 0.77 1.46
N PHE A 32 0.23 1.69 2.41
CA PHE A 32 0.61 1.37 3.78
C PHE A 32 -0.46 0.54 4.53
N VAL A 34 -1.40 -2.16 3.46
CA VAL A 34 -0.91 -3.55 3.34
C VAL A 34 -0.06 -3.96 4.55
N PRO A 35 1.03 -3.21 4.86
CA PRO A 35 1.74 -3.56 6.12
C PRO A 35 0.89 -3.38 7.38
N LEU A 36 -0.04 -2.41 7.37
CA LEU A 36 -0.89 -2.19 8.55
C LEU A 36 -1.78 -3.41 8.82
N ALA A 37 -2.24 -4.07 7.76
CA ALA A 37 -3.03 -5.29 7.92
C ALA A 37 -2.18 -6.37 8.58
N VAL A 38 -0.92 -6.50 8.18
CA VAL A 38 -0.04 -7.50 8.78
C VAL A 38 0.07 -7.20 10.28
N MET A 39 0.33 -5.94 10.61
CA MET A 39 0.45 -5.48 11.99
C MET A 39 -0.82 -5.75 12.78
N GLY A 40 -1.96 -5.38 12.20
CA GLY A 40 -3.25 -5.54 12.85
C GLY A 40 -3.62 -6.98 13.12
N TYR A 41 -3.37 -7.86 12.15
CA TYR A 41 -3.66 -9.29 12.36
C TYR A 41 -2.69 -9.91 13.35
N ASP A 42 -1.41 -9.55 13.26
CA ASP A 42 -0.41 -10.06 14.18
C ASP A 42 -0.71 -9.62 15.62
N ALA A 43 -1.20 -8.40 15.77
CA ALA A 43 -1.49 -7.82 17.08
C ALA A 43 -2.74 -8.41 17.69
N GLY A 44 -3.56 -9.06 16.87
CA GLY A 44 -4.81 -9.66 17.30
C GLY A 44 -5.97 -8.68 17.31
N ILE A 45 -5.70 -7.43 16.92
CA ILE A 45 -6.74 -6.40 16.85
C ILE A 45 -7.65 -6.69 15.67
N LEU A 46 -7.06 -7.03 14.52
CA LEU A 46 -7.83 -7.51 13.39
C LEU A 46 -7.96 -9.01 13.52
N VAL A 47 -9.14 -9.53 13.20
CA VAL A 47 -9.46 -10.94 13.44
C VAL A 47 -9.50 -11.75 12.16
N ASP A 48 -10.38 -11.36 11.23
CA ASP A 48 -10.52 -12.05 9.94
C ASP A 48 -10.95 -11.04 8.87
N ALA A 49 -11.47 -11.54 7.75
CA ALA A 49 -11.90 -10.70 6.63
C ALA A 49 -13.00 -9.69 7.00
N HIS A 50 -13.80 -10.02 8.02
CA HIS A 50 -14.96 -9.20 8.37
C HIS A 50 -15.01 -8.72 9.81
N ASN A 51 -13.92 -8.93 10.55
CA ASN A 51 -13.88 -8.58 11.97
C ASN A 51 -12.51 -8.01 12.37
N PRO A 52 -12.49 -6.91 13.16
CA PRO A 52 -13.62 -6.19 13.74
C PRO A 52 -14.35 -5.27 12.76
N ARG A 53 -15.61 -5.00 13.08
CA ARG A 53 -16.46 -4.10 12.32
C ARG A 53 -16.64 -2.81 13.12
N TRP A 54 -16.13 -1.71 12.60
CA TRP A 54 -16.18 -0.42 13.27
C TRP A 54 -17.09 0.57 12.59
N ASP A 55 -17.92 1.24 13.38
CA ASP A 55 -18.74 2.35 12.90
C ASP A 55 -17.91 3.61 12.83
N TYR A 56 -18.22 4.48 11.87
CA TYR A 56 -17.61 5.79 11.83
C TYR A 56 -18.15 6.67 12.96
N LYS A 57 -17.25 7.44 13.57
CA LYS A 57 -17.63 8.43 14.56
C LYS A 57 -17.06 9.78 14.12
N PRO A 58 -17.80 10.88 14.38
CA PRO A 58 -17.36 12.21 13.91
C PRO A 58 -15.99 12.63 14.43
N GLU A 59 -15.61 12.19 15.63
CA GLU A 59 -14.29 12.52 16.19
C GLU A 59 -13.13 11.89 15.42
N PHE A 60 -13.43 10.90 14.57
CA PHE A 60 -12.42 10.31 13.69
C PHE A 60 -12.02 11.29 12.59
N ASN A 61 -12.93 12.20 12.24
CA ASN A 61 -12.71 13.24 11.23
C ASN A 61 -12.26 12.66 9.87
N GLY A 62 -13.12 11.82 9.29
CA GLY A 62 -12.77 11.13 8.03
C GLY A 62 -13.33 11.79 6.78
N TYR A 63 -12.84 11.36 5.62
CA TYR A 63 -13.32 11.85 4.33
C TYR A 63 -14.79 11.48 4.11
N ALA A 64 -15.53 12.38 3.46
CA ALA A 64 -16.99 12.29 3.32
C ALA A 64 -17.50 10.95 2.79
N PHE A 65 -16.85 10.45 1.74
CA PHE A 65 -17.24 9.17 1.14
C PHE A 65 -16.82 7.96 1.99
N GLN A 66 -15.91 8.19 2.94
CA GLN A 66 -15.38 7.10 3.77
C GLN A 66 -16.04 7.01 5.15
N GLN A 67 -17.06 7.84 5.38
CA GLN A 67 -17.80 7.87 6.64
C GLN A 67 -18.89 6.81 6.67
N LYS A 68 -18.46 5.55 6.69
CA LYS A 68 -19.38 4.42 6.73
C LYS A 68 -18.77 3.27 7.53
N THR A 69 -19.61 2.33 7.97
CA THR A 69 -19.18 1.19 8.76
C THR A 69 -18.22 0.30 7.96
N THR A 70 -17.09 -0.02 8.58
CA THR A 70 -15.97 -0.61 7.88
C THR A 70 -15.47 -1.87 8.59
N ASP A 71 -15.12 -2.88 7.80
CA ASP A 71 -14.41 -4.05 8.31
C ASP A 71 -13.12 -4.16 7.50
N PRO A 72 -12.24 -5.14 7.80
CA PRO A 72 -10.97 -5.22 7.09
C PRO A 72 -11.06 -5.26 5.56
N THR A 73 -12.07 -5.97 5.04
CA THR A 73 -12.31 -6.09 3.59
C THR A 73 -12.69 -4.74 2.96
N ILE A 74 -13.62 -4.03 3.58
CA ILE A 74 -14.05 -2.71 3.11
C ILE A 74 -12.91 -1.70 3.24
N TRP A 75 -12.18 -1.82 4.34
CA TRP A 75 -10.98 -1.00 4.60
C TRP A 75 -10.03 -1.00 3.43
N GLU A 76 -9.66 -2.18 2.95
CA GLU A 76 -8.71 -2.30 1.85
C GLU A 76 -9.33 -1.94 0.50
N LYS A 77 -10.58 -2.35 0.29
CA LYS A 77 -11.24 -2.12 -1.00
C LYS A 77 -11.58 -0.64 -1.22
N ASP A 78 -12.11 0.01 -0.19
CA ASP A 78 -12.48 1.42 -0.29
C ASP A 78 -11.42 2.39 0.25
N SER A 79 -10.32 1.84 0.77
CA SER A 79 -9.20 2.64 1.27
C SER A 79 -9.59 3.62 2.38
N ILE A 80 -10.19 3.06 3.44
CA ILE A 80 -10.77 3.85 4.52
C ILE A 80 -9.69 4.27 5.51
N VAL A 81 -9.27 5.55 5.40
CA VAL A 81 -8.13 6.06 6.16
C VAL A 81 -8.36 6.02 7.68
N TRP A 82 -9.55 6.41 8.13
CA TRP A 82 -9.82 6.48 9.58
C TRP A 82 -9.74 5.13 10.26
N TYR A 83 -10.03 4.07 9.50
CA TYR A 83 -9.93 2.71 10.02
C TYR A 83 -8.48 2.35 10.32
N SER A 84 -7.57 2.78 9.44
CA SER A 84 -6.12 2.64 9.68
C SER A 84 -5.73 3.32 10.98
N GLN A 85 -6.23 4.54 11.18
CA GLN A 85 -5.86 5.36 12.33
C GLN A 85 -6.43 4.83 13.62
N GLN A 86 -7.66 4.31 13.59
CA GLN A 86 -8.22 3.62 14.75
C GLN A 86 -7.38 2.38 15.11
N LEU A 87 -6.92 1.69 14.07
CA LEU A 87 -6.06 0.52 14.25
C LEU A 87 -4.73 0.87 14.94
N THR A 88 -4.08 1.95 14.49
CA THR A 88 -2.78 2.32 15.05
C THR A 88 -2.92 2.86 16.46
N ARG A 89 -4.00 3.60 16.71
CA ARG A 89 -4.30 4.11 18.06
C ARG A 89 -4.40 2.95 19.03
N LYS A 90 -5.14 1.92 18.63
CA LYS A 90 -5.32 0.73 19.45
C LYS A 90 -4.03 -0.09 19.62
N MET A 91 -3.25 -0.21 18.54
CA MET A 91 -2.01 -0.99 18.68
C MET A 91 -0.97 -0.27 19.53
N GLY A 92 -0.95 1.06 19.45
CA GLY A 92 -0.06 1.88 20.28
C GLY A 92 1.30 2.10 19.65
N GLN A 93 2.00 3.12 20.15
CA GLN A 93 3.29 3.53 19.60
CA GLN A 93 3.30 3.54 19.63
C GLN A 93 4.37 2.46 19.68
N LYS A 94 4.46 1.76 20.81
CA LYS A 94 5.50 0.74 21.00
C LYS A 94 5.44 -0.34 19.92
N ARG A 95 4.25 -0.89 19.71
CA ARG A 95 4.07 -1.99 18.77
C ARG A 95 4.19 -1.53 17.32
N PHE A 96 3.56 -0.40 16.99
CA PHE A 96 3.67 0.22 15.66
C PHE A 96 5.14 0.41 15.26
N ALA A 97 5.92 1.03 16.15
CA ALA A 97 7.34 1.31 15.87
C ALA A 97 8.17 0.04 15.75
N ALA A 98 7.87 -0.95 16.59
CA ALA A 98 8.51 -2.26 16.50
C ALA A 98 8.24 -2.93 15.15
N TYR A 99 6.98 -2.89 14.69
CA TYR A 99 6.63 -3.47 13.40
C TYR A 99 7.35 -2.79 12.23
N VAL A 100 7.33 -1.46 12.20
CA VAL A 100 7.93 -0.71 11.10
C VAL A 100 9.44 -0.98 11.01
N ALA A 101 10.12 -0.99 12.16
CA ALA A 101 11.53 -1.35 12.23
C ALA A 101 11.77 -2.80 11.79
N GLY A 102 10.97 -3.73 12.33
CA GLY A 102 11.06 -5.14 11.97
C GLY A 102 10.86 -5.40 10.48
N PHE A 103 9.87 -4.72 9.90
CA PHE A 103 9.58 -4.85 8.46
C PHE A 103 10.67 -4.21 7.58
N GLY A 104 11.51 -3.33 8.14
CA GLY A 104 12.52 -2.61 7.36
C GLY A 104 11.85 -1.83 6.25
N TYR A 105 10.80 -1.10 6.60
CA TYR A 105 9.87 -0.54 5.62
C TYR A 105 10.24 0.87 5.17
N GLY A 106 10.63 0.98 3.90
CA GLY A 106 11.07 2.24 3.31
C GLY A 106 12.16 2.88 4.16
N ASN A 107 12.05 4.18 4.36
CA ASN A 107 13.02 4.90 5.18
C ASN A 107 12.83 4.73 6.69
N GLY A 108 11.76 4.02 7.07
CA GLY A 108 11.46 3.70 8.46
C GLY A 108 11.14 4.91 9.33
N ASP A 109 10.96 6.06 8.70
CA ASP A 109 10.74 7.31 9.41
C ASP A 109 9.27 7.55 9.71
N ILE A 110 8.89 7.29 10.97
CA ILE A 110 7.50 7.42 11.39
C ILE A 110 7.27 8.65 12.28
N SER A 111 8.13 9.66 12.15
CA SER A 111 8.04 10.87 12.97
C SER A 111 6.73 11.63 12.73
N GLY A 112 6.17 11.50 11.53
CA GLY A 112 4.95 12.21 11.16
C GLY A 112 5.21 13.65 10.79
N GLU A 113 4.21 14.50 10.99
CA GLU A 113 4.33 15.91 10.64
C GLU A 113 5.27 16.65 11.61
N PRO A 114 6.19 17.47 11.08
CA PRO A 114 7.30 18.08 11.82
C PRO A 114 7.01 18.53 13.26
N GLY A 115 5.95 19.33 13.45
CA GLY A 115 5.64 19.85 14.78
C GLY A 115 4.31 19.40 15.34
N LYS A 116 3.97 18.12 15.17
CA LYS A 116 2.64 17.63 15.54
C LYS A 116 2.60 16.39 16.44
N SER A 117 3.70 15.65 16.50
CA SER A 117 3.78 14.38 17.26
C SER A 117 2.69 13.37 16.87
N ASN A 118 2.42 13.29 15.56
CA ASN A 118 1.27 12.53 15.04
C ASN A 118 1.66 11.35 14.13
N GLY A 119 2.89 10.86 14.30
CA GLY A 119 3.42 9.75 13.50
C GLY A 119 2.56 8.49 13.54
N LEU A 120 2.02 8.19 14.72
CA LEU A 120 1.18 7.00 14.91
C LEU A 120 -0.01 6.96 13.94
N THR A 121 -0.56 8.12 13.61
CA THR A 121 -1.77 8.20 12.78
C THR A 121 -1.59 8.89 11.41
N HIS A 122 -0.44 9.53 11.19
CA HIS A 122 -0.22 10.33 9.97
C HIS A 122 1.05 10.08 9.21
N SER A 123 1.94 9.24 9.76
CA SER A 123 3.29 9.08 9.16
C SER A 123 3.29 8.59 7.72
N TRP A 124 2.29 7.79 7.33
CA TRP A 124 2.20 7.28 5.96
C TRP A 124 1.42 8.17 5.02
N LEU A 125 0.88 9.25 5.55
CA LEU A 125 -0.08 10.07 4.80
C LEU A 125 0.55 11.31 4.16
N GLY A 126 1.68 11.12 3.51
CA GLY A 126 2.37 12.21 2.82
C GLY A 126 3.15 13.08 3.78
N SER A 127 3.85 12.47 4.73
CA SER A 127 4.77 13.20 5.58
C SER A 127 6.13 12.50 5.67
N SER A 128 6.39 11.83 6.78
CA SER A 128 7.73 11.33 7.10
C SER A 128 8.12 10.05 6.36
N LEU A 129 7.21 9.10 6.29
CA LEU A 129 7.50 7.77 5.73
C LEU A 129 7.58 7.80 4.21
N LYS A 130 8.67 7.24 3.68
CA LYS A 130 8.89 7.15 2.24
C LYS A 130 9.33 5.73 1.88
N ILE A 131 8.88 5.24 0.72
CA ILE A 131 9.31 3.94 0.19
C ILE A 131 9.39 4.03 -1.33
N SER A 132 10.36 3.32 -1.91
CA SER A 132 10.50 3.28 -3.37
C SER A 132 9.69 2.10 -3.93
N PRO A 133 9.36 2.13 -5.24
CA PRO A 133 8.76 0.96 -5.86
C PRO A 133 9.59 -0.32 -5.62
N GLU A 134 10.92 -0.20 -5.66
CA GLU A 134 11.81 -1.33 -5.31
C GLU A 134 11.51 -1.91 -3.91
N GLY A 135 11.42 -1.02 -2.92
CA GLY A 135 11.05 -1.39 -1.54
C GLY A 135 9.67 -2.02 -1.44
N GLN A 136 8.73 -1.48 -2.21
CA GLN A 136 7.37 -2.03 -2.27
C GLN A 136 7.38 -3.48 -2.77
N VAL A 137 8.09 -3.73 -3.86
CA VAL A 137 8.21 -5.07 -4.44
C VAL A 137 8.89 -6.05 -3.46
N ARG A 138 9.94 -5.56 -2.80
CA ARG A 138 10.66 -6.29 -1.75
C ARG A 138 9.71 -6.65 -0.59
N PHE A 139 8.95 -5.68 -0.12
CA PHE A 139 7.98 -5.93 0.93
C PHE A 139 6.90 -6.95 0.53
N VAL A 140 6.35 -6.80 -0.68
CA VAL A 140 5.27 -7.66 -1.13
C VAL A 140 5.72 -9.10 -1.38
N ARG A 141 6.92 -9.27 -1.95
CA ARG A 141 7.52 -10.61 -2.07
C ARG A 141 7.65 -11.26 -0.69
N ASP A 142 8.11 -10.49 0.29
CA ASP A 142 8.27 -10.99 1.66
C ASP A 142 6.92 -11.42 2.25
N LEU A 143 5.89 -10.61 2.00
CA LEU A 143 4.54 -10.90 2.46
C LEU A 143 4.03 -12.24 1.92
N LEU A 144 4.15 -12.42 0.61
CA LEU A 144 3.66 -13.63 -0.07
C LEU A 144 4.42 -14.88 0.39
N SER A 145 5.70 -14.72 0.71
CA SER A 145 6.53 -15.83 1.19
C SER A 145 6.39 -16.08 2.68
N ALA A 146 5.59 -15.25 3.36
CA ALA A 146 5.41 -15.32 4.80
C ALA A 146 6.73 -15.13 5.54
N LYS A 147 7.58 -14.24 5.02
CA LYS A 147 8.92 -14.01 5.59
C LYS A 147 9.04 -12.76 6.45
N LEU A 148 7.95 -12.00 6.60
CA LEU A 148 7.95 -10.85 7.50
C LEU A 148 7.98 -11.31 8.96
N PRO A 149 8.59 -10.50 9.86
CA PRO A 149 8.61 -10.81 11.29
C PRO A 149 7.24 -10.61 11.94
N ALA A 150 6.31 -11.47 11.56
CA ALA A 150 4.94 -11.48 12.07
C ALA A 150 4.42 -12.88 11.81
N SER A 151 3.35 -13.27 12.49
CA SER A 151 2.80 -14.61 12.33
C SER A 151 2.46 -14.92 10.87
N LYS A 152 2.61 -16.18 10.49
CA LYS A 152 2.23 -16.65 9.16
C LYS A 152 0.76 -16.39 8.86
N ASP A 153 -0.10 -16.69 9.83
CA ASP A 153 -1.54 -16.46 9.71
C ASP A 153 -1.87 -15.01 9.43
N ALA A 154 -1.13 -14.09 10.05
CA ALA A 154 -1.35 -12.65 9.85
C ALA A 154 -1.03 -12.26 8.42
N GLN A 155 0.03 -12.85 7.86
CA GLN A 155 0.44 -12.54 6.50
C GLN A 155 -0.51 -13.17 5.46
N GLN A 156 -0.97 -14.39 5.74
CA GLN A 156 -1.96 -15.04 4.88
C GLN A 156 -3.29 -14.33 4.87
N MET A 157 -3.72 -13.87 6.05
CA MET A 157 -4.96 -13.12 6.17
C MET A 157 -4.89 -11.81 5.37
N THR A 158 -3.76 -11.12 5.50
CA THR A 158 -3.49 -9.88 4.75
C THR A 158 -3.59 -10.09 3.24
N VAL A 159 -2.91 -11.16 2.77
CA VAL A 159 -2.96 -11.56 1.37
C VAL A 159 -4.42 -11.77 0.92
N SER A 160 -5.21 -12.46 1.75
CA SER A 160 -6.60 -12.79 1.40
C SER A 160 -7.54 -11.59 1.31
N ILE A 161 -7.23 -10.49 2.01
CA ILE A 161 -8.19 -9.37 2.05
C ILE A 161 -7.98 -8.25 1.02
N LEU A 162 -6.85 -8.25 0.30
CA LEU A 162 -6.63 -7.22 -0.71
C LEU A 162 -7.58 -7.42 -1.89
N PRO A 163 -8.13 -6.32 -2.44
CA PRO A 163 -9.15 -6.46 -3.49
C PRO A 163 -8.66 -7.14 -4.77
N HIS A 164 -9.60 -7.77 -5.47
CA HIS A 164 -9.32 -8.54 -6.67
C HIS A 164 -9.61 -7.76 -7.92
N PHE A 165 -8.78 -7.96 -8.94
CA PHE A 165 -8.94 -7.38 -10.27
C PHE A 165 -8.56 -8.43 -11.31
N ALA A 166 -8.92 -8.20 -12.56
CA ALA A 166 -8.54 -9.10 -13.65
C ALA A 166 -7.98 -8.31 -14.81
N ALA A 167 -6.97 -8.87 -15.47
CA ALA A 167 -6.38 -8.30 -16.66
C ALA A 167 -6.06 -9.44 -17.64
N GLY A 168 -6.94 -9.61 -18.61
CA GLY A 168 -6.90 -10.76 -19.50
C GLY A 168 -6.94 -12.04 -18.68
N ASP A 169 -5.90 -12.87 -18.86
CA ASP A 169 -5.81 -14.15 -18.18
C ASP A 169 -5.22 -14.03 -16.78
N TRP A 170 -4.84 -12.82 -16.38
CA TRP A 170 -4.25 -12.59 -15.07
C TRP A 170 -5.26 -12.29 -14.00
N ALA A 171 -5.17 -13.05 -12.89
CA ALA A 171 -5.94 -12.77 -11.69
C ALA A 171 -5.07 -11.89 -10.80
N VAL A 172 -5.57 -10.71 -10.44
CA VAL A 172 -4.77 -9.69 -9.76
C VAL A 172 -5.32 -9.39 -8.37
N GLN A 173 -4.42 -9.08 -7.43
CA GLN A 173 -4.78 -8.43 -6.18
C GLN A 173 -3.82 -7.28 -5.97
N GLY A 174 -4.28 -6.22 -5.32
CA GLY A 174 -3.40 -5.10 -5.05
C GLY A 174 -4.03 -3.94 -4.33
N LYS A 175 -3.20 -2.96 -3.98
CA LYS A 175 -3.65 -1.83 -3.20
C LYS A 175 -3.18 -0.51 -3.81
N THR A 176 -4.13 0.39 -3.99
CA THR A 176 -3.85 1.72 -4.49
C THR A 176 -3.29 2.63 -3.41
N GLY A 177 -2.60 3.69 -3.85
CA GLY A 177 -2.23 4.81 -2.99
C GLY A 177 -2.46 6.10 -3.75
N THR A 178 -3.09 7.08 -3.11
CA THR A 178 -3.27 8.41 -3.68
C THR A 178 -2.83 9.48 -2.67
N GLY A 179 -1.97 10.38 -3.12
CA GLY A 179 -1.57 11.51 -2.28
C GLY A 179 -0.96 12.63 -3.09
N SER A 180 -0.18 13.47 -2.43
CA SER A 180 0.53 14.55 -3.09
C SER A 180 1.82 14.91 -2.37
N PHE A 181 2.65 15.69 -3.05
CA PHE A 181 3.91 16.20 -2.48
C PHE A 181 4.17 17.58 -3.08
N ILE A 182 4.97 18.37 -2.38
CA ILE A 182 5.42 19.67 -2.87
C ILE A 182 6.62 19.43 -3.76
N ASP A 183 6.51 19.74 -5.05
CA ASP A 183 7.61 19.54 -5.99
C ASP A 183 8.67 20.65 -5.89
N ALA A 184 9.71 20.56 -6.74
CA ALA A 184 10.85 21.47 -6.68
C ALA A 184 10.50 22.95 -6.83
N ARG A 185 9.34 23.23 -7.41
CA ARG A 185 8.89 24.61 -7.64
C ARG A 185 7.75 25.03 -6.70
N GLY A 186 7.54 24.26 -5.63
CA GLY A 186 6.58 24.62 -4.59
C GLY A 186 5.13 24.27 -4.89
N ALA A 187 4.90 23.60 -6.02
CA ALA A 187 3.54 23.23 -6.42
C ALA A 187 3.16 21.87 -5.86
N LYS A 188 1.89 21.75 -5.47
CA LYS A 188 1.31 20.49 -5.04
C LYS A 188 1.18 19.57 -6.24
N ALA A 189 1.94 18.47 -6.22
CA ALA A 189 1.98 17.52 -7.33
C ALA A 189 1.38 16.18 -6.90
N PRO A 190 0.62 15.52 -7.80
CA PRO A 190 -0.06 14.28 -7.41
C PRO A 190 0.88 13.08 -7.27
N LEU A 191 0.54 12.17 -6.36
CA LEU A 191 1.28 10.93 -6.19
C LEU A 191 0.31 9.75 -6.26
N GLY A 192 0.62 8.78 -7.13
CA GLY A 192 -0.20 7.58 -7.31
C GLY A 192 0.55 6.26 -7.18
N TRP A 193 -0.09 5.27 -6.59
CA TRP A 193 0.47 3.93 -6.45
C TRP A 193 -0.52 2.86 -6.84
N PHE A 194 -0.01 1.75 -7.39
CA PHE A 194 -0.73 0.47 -7.36
C PHE A 194 0.31 -0.63 -7.18
N ILE A 195 0.17 -1.37 -6.07
CA ILE A 195 1.11 -2.45 -5.75
C ILE A 195 0.32 -3.72 -5.51
N GLY A 196 0.95 -4.87 -5.73
CA GLY A 196 0.26 -6.14 -5.51
C GLY A 196 0.89 -7.29 -6.26
N TRP A 197 0.07 -8.26 -6.62
CA TRP A 197 0.58 -9.44 -7.32
C TRP A 197 -0.41 -9.90 -8.34
N ALA A 198 0.06 -10.74 -9.26
CA ALA A 198 -0.81 -11.27 -10.31
C ALA A 198 -0.41 -12.70 -10.63
N THR A 199 -1.42 -13.53 -10.91
CA THR A 199 -1.24 -14.95 -11.10
C THR A 199 -1.80 -15.40 -12.45
N HIS A 200 -1.01 -16.21 -13.16
CA HIS A 200 -1.43 -16.83 -14.40
C HIS A 200 -0.63 -18.08 -14.65
N GLU A 201 -1.37 -19.18 -14.80
CA GLU A 201 -0.80 -20.51 -15.01
C GLU A 201 0.25 -20.84 -13.94
N GLU A 202 1.52 -21.01 -14.32
CA GLU A 202 2.56 -21.36 -13.35
C GLU A 202 3.18 -20.13 -12.71
N ARG A 203 2.93 -18.95 -13.27
CA ARG A 203 3.62 -17.75 -12.79
C ARG A 203 2.82 -16.92 -11.79
N ARG A 204 3.55 -16.34 -10.84
CA ARG A 204 3.04 -15.26 -10.01
C ARG A 204 4.07 -14.13 -10.04
N VAL A 205 3.60 -12.92 -10.30
CA VAL A 205 4.47 -11.76 -10.29
C VAL A 205 4.09 -10.83 -9.15
N VAL A 206 5.06 -10.05 -8.69
CA VAL A 206 4.84 -8.97 -7.74
C VAL A 206 5.15 -7.68 -8.49
N PHE A 207 4.36 -6.64 -8.26
CA PHE A 207 4.52 -5.41 -9.03
C PHE A 207 4.33 -4.14 -8.20
N ALA A 208 4.91 -3.05 -8.71
CA ALA A 208 4.60 -1.72 -8.22
C ALA A 208 4.55 -0.74 -9.39
N ARG A 209 3.42 -0.06 -9.55
CA ARG A 209 3.37 1.12 -10.41
C ARG A 209 3.26 2.37 -9.55
N MET A 210 4.09 3.36 -9.86
CA MET A 210 4.11 4.62 -9.13
C MET A 210 4.14 5.78 -10.11
N THR A 211 3.33 6.81 -9.85
CA THR A 211 3.40 8.05 -10.62
C THR A 211 3.63 9.20 -9.65
N ALA A 212 4.40 10.20 -10.08
CA ALA A 212 4.70 11.36 -9.23
C ALA A 212 4.90 12.62 -10.09
N GLY A 213 4.11 13.65 -9.82
CA GLY A 213 4.03 14.84 -10.68
C GLY A 213 3.01 14.61 -11.78
N GLY A 214 2.51 15.65 -12.43
CA GLY A 214 2.77 17.04 -12.09
C GLY A 214 1.45 17.75 -11.88
N ALA A 215 0.45 17.42 -12.71
CA ALA A 215 -0.87 18.05 -12.64
C ALA A 215 -1.97 17.06 -12.23
N ALA A 216 -2.73 17.43 -11.19
CA ALA A 216 -3.83 16.60 -10.69
C ALA A 216 -4.93 16.40 -11.74
N GLY A 217 -5.27 15.15 -12.01
CA GLY A 217 -6.34 14.83 -12.96
C GLY A 217 -7.67 14.72 -12.25
N ALA A 218 -8.73 14.43 -13.00
CA ALA A 218 -10.06 14.22 -12.42
C ALA A 218 -10.07 12.93 -11.59
N GLN A 219 -9.44 11.88 -12.09
CA GLN A 219 -9.36 10.60 -11.39
C GLN A 219 -8.20 10.61 -10.39
N PRO A 220 -8.45 10.15 -9.15
CA PRO A 220 -7.37 10.01 -8.16
C PRO A 220 -6.21 9.19 -8.71
N ALA A 221 -4.99 9.63 -8.44
CA ALA A 221 -3.77 9.04 -8.99
C ALA A 221 -3.58 7.54 -8.72
N GLY A 222 -4.06 7.06 -7.58
CA GLY A 222 -3.97 5.63 -7.24
C GLY A 222 -4.77 4.76 -8.19
N PRO A 223 -6.10 4.92 -8.19
CA PRO A 223 -6.93 4.23 -9.19
C PRO A 223 -6.46 4.42 -10.64
N ALA A 224 -5.94 5.60 -10.97
CA ALA A 224 -5.39 5.86 -12.32
C ALA A 224 -4.17 4.96 -12.62
N ALA A 225 -3.29 4.81 -11.62
CA ALA A 225 -2.12 3.92 -11.73
C ALA A 225 -2.58 2.48 -11.83
N ARG A 226 -3.60 2.13 -11.04
CA ARG A 226 -4.23 0.81 -11.09
C ARG A 226 -4.74 0.46 -12.51
N ASP A 227 -5.57 1.33 -13.07
CA ASP A 227 -6.10 1.16 -14.43
C ASP A 227 -4.98 1.05 -15.46
N ALA A 228 -3.97 1.92 -15.37
CA ALA A 228 -2.83 1.90 -16.30
C ALA A 228 -2.04 0.59 -16.20
N PHE A 229 -1.79 0.14 -14.98
CA PHE A 229 -1.07 -1.13 -14.83
C PHE A 229 -1.87 -2.33 -15.35
N LEU A 230 -3.16 -2.39 -15.01
CA LEU A 230 -4.01 -3.50 -15.47
C LEU A 230 -4.09 -3.54 -16.99
N LYS A 231 -4.23 -2.35 -17.60
CA LYS A 231 -4.20 -2.18 -19.05
C LYS A 231 -2.90 -2.69 -19.69
N ALA A 232 -1.77 -2.44 -19.02
CA ALA A 232 -0.44 -2.79 -19.53
C ALA A 232 -0.03 -4.26 -19.33
N LEU A 233 -0.50 -4.88 -18.25
CA LEU A 233 -0.01 -6.21 -17.81
C LEU A 233 -0.01 -7.33 -18.86
N PRO A 234 -1.13 -7.55 -19.58
CA PRO A 234 -1.11 -8.60 -20.58
C PRO A 234 -0.03 -8.43 -21.66
N ASP A 235 0.27 -7.19 -22.04
CA ASP A 235 1.35 -6.90 -23.00
C ASP A 235 2.73 -7.14 -22.42
N LEU A 236 2.94 -6.64 -21.20
CA LEU A 236 4.17 -6.89 -20.46
C LEU A 236 4.43 -8.39 -20.33
N ALA A 237 3.37 -9.15 -20.07
CA ALA A 237 3.46 -10.59 -19.84
C ALA A 237 4.03 -11.38 -21.01
N LYS A 238 3.85 -10.86 -22.23
CA LYS A 238 4.34 -11.49 -23.45
C LYS A 238 5.84 -11.73 -23.42
N ALA A 239 6.56 -10.86 -22.70
CA ALA A 239 8.01 -10.94 -22.60
C ALA A 239 8.51 -11.68 -21.35
N PHE A 240 7.60 -12.23 -20.54
CA PHE A 240 8.01 -12.98 -19.35
C PHE A 240 8.60 -14.33 -19.75
#